data_2X3F
#
_entry.id   2X3F
#
_cell.length_a   45.194
_cell.length_b   86.560
_cell.length_c   141.573
_cell.angle_alpha   90.00
_cell.angle_beta   90.00
_cell.angle_gamma   90.00
#
_symmetry.space_group_name_H-M   'P 21 21 21'
#
loop_
_entity.id
_entity.type
_entity.pdbx_description
1 polymer 'PANTHOTHENATE SYNTHETASE'
2 non-polymer 'DIPHOSPHOMETHYLPHOSPHONIC ACID ADENOSYL ESTER'
3 non-polymer 'SULFATE ION'
4 water water
#
_entity_poly.entity_id   1
_entity_poly.type   'polypeptide(L)'
_entity_poly.pdbx_seq_one_letter_code
;GAMTKLITTVKEMQHIVKAAKRSGTTIGFIPTMGALHDGHLTMVRESVSTNDITVVSVFVNPLQFGPNEDFDAYPRQIDK
DLELVSEVGADIVFHPAVEDMYPGELGIDVKVGPLADVLEGAKRPGHFDGVVTVVNKLFNIVMPDYAYFGKKDAQQLAIV
EQMVKDFNHAVEIIGIDIVREADGLAKSSRNVYLTEQERQEAVHLSKSLLLAQALYQDGERQSKVIIDKVTQYLESHISG
RIEEVAVYSYPQLVEQHEITGRIFISLAVKFSKARLIDNIIIGAE
;
_entity_poly.pdbx_strand_id   A,B
#
loop_
_chem_comp.id
_chem_comp.type
_chem_comp.name
_chem_comp.formula
APC non-polymer 'DIPHOSPHOMETHYLPHOSPHONIC ACID ADENOSYL ESTER' 'C11 H18 N5 O12 P3'
SO4 non-polymer 'SULFATE ION' 'O4 S -2'
#
# COMPACT_ATOMS: atom_id res chain seq x y z
N THR A 4 -22.41 -16.20 -14.76
CA THR A 4 -21.51 -15.59 -13.73
C THR A 4 -20.08 -16.07 -13.88
N LYS A 5 -19.19 -15.13 -14.14
CA LYS A 5 -17.90 -15.41 -14.75
C LYS A 5 -16.81 -15.67 -13.71
N LEU A 6 -16.13 -16.81 -13.83
CA LEU A 6 -14.97 -17.11 -13.02
C LEU A 6 -13.71 -16.54 -13.68
N ILE A 7 -13.15 -15.52 -13.07
CA ILE A 7 -11.95 -14.84 -13.56
C ILE A 7 -10.79 -15.27 -12.69
N THR A 8 -9.80 -15.92 -13.29
CA THR A 8 -8.73 -16.56 -12.54
C THR A 8 -7.34 -15.95 -12.75
N THR A 9 -7.24 -14.80 -13.43
CA THR A 9 -5.96 -14.08 -13.54
C THR A 9 -6.13 -12.62 -13.17
N VAL A 10 -5.09 -12.05 -12.59
CA VAL A 10 -5.06 -10.64 -12.26
C VAL A 10 -5.19 -9.78 -13.52
N LYS A 11 -4.45 -10.13 -14.57
CA LYS A 11 -4.54 -9.42 -15.87
C LYS A 11 -5.97 -9.27 -16.42
N GLU A 12 -6.73 -10.36 -16.51
CA GLU A 12 -8.10 -10.26 -17.00
C GLU A 12 -9.01 -9.47 -16.06
N MET A 13 -8.81 -9.60 -14.75
CA MET A 13 -9.60 -8.81 -13.80
C MET A 13 -9.36 -7.32 -14.04
N GLN A 14 -8.09 -6.95 -14.25
CA GLN A 14 -7.69 -5.57 -14.52
C GLN A 14 -8.32 -5.05 -15.80
N HIS A 15 -8.28 -5.86 -16.84
CA HIS A 15 -8.84 -5.50 -18.13
C HIS A 15 -10.34 -5.20 -17.98
N ILE A 16 -11.06 -6.08 -17.27
CA ILE A 16 -12.49 -5.91 -17.05
C ILE A 16 -12.82 -4.60 -16.31
N VAL A 17 -12.03 -4.32 -15.28
CA VAL A 17 -12.18 -3.12 -14.48
C VAL A 17 -11.95 -1.85 -15.28
N LYS A 18 -10.86 -1.80 -16.02
CA LYS A 18 -10.54 -0.66 -16.89
C LYS A 18 -11.68 -0.38 -17.90
N ALA A 19 -12.23 -1.45 -18.47
CA ALA A 19 -13.36 -1.32 -19.39
C ALA A 19 -14.61 -0.81 -18.67
N ALA A 20 -14.83 -1.28 -17.45
CA ALA A 20 -15.93 -0.79 -16.62
C ALA A 20 -15.85 0.71 -16.37
N LYS A 21 -14.67 1.19 -15.99
CA LYS A 21 -14.47 2.60 -15.71
C LYS A 21 -14.84 3.44 -16.94
N ARG A 22 -14.31 3.03 -18.09
CA ARG A 22 -14.56 3.69 -19.36
C ARG A 22 -16.04 3.82 -19.71
N SER A 23 -16.88 2.86 -19.31
CA SER A 23 -18.30 2.92 -19.61
C SER A 23 -19.16 3.48 -18.47
N GLY A 24 -18.52 3.86 -17.36
CA GLY A 24 -19.24 4.39 -16.19
C GLY A 24 -20.04 3.33 -15.45
N THR A 25 -19.53 2.11 -15.45
CA THR A 25 -20.12 0.97 -14.74
C THR A 25 -19.62 0.95 -13.29
N THR A 26 -20.53 1.12 -12.33
CA THR A 26 -20.12 1.13 -10.92
C THR A 26 -19.83 -0.27 -10.45
N ILE A 27 -18.89 -0.40 -9.52
CA ILE A 27 -18.40 -1.71 -9.08
C ILE A 27 -18.53 -1.85 -7.56
N GLY A 28 -19.23 -2.88 -7.14
CA GLY A 28 -19.23 -3.31 -5.74
C GLY A 28 -18.32 -4.51 -5.59
N PHE A 29 -17.68 -4.62 -4.42
CA PHE A 29 -16.69 -5.68 -4.22
C PHE A 29 -16.84 -6.30 -2.83
N ILE A 30 -16.89 -7.62 -2.81
CA ILE A 30 -16.99 -8.41 -1.59
C ILE A 30 -15.80 -9.38 -1.52
N PRO A 31 -14.78 -9.04 -0.71
CA PRO A 31 -13.64 -9.94 -0.58
C PRO A 31 -13.97 -11.06 0.39
N THR A 32 -13.73 -12.29 -0.06
CA THR A 32 -13.94 -13.47 0.76
C THR A 32 -12.84 -14.52 0.58
N MET A 33 -12.83 -15.47 1.51
CA MET A 33 -12.02 -16.69 1.35
C MET A 33 -12.85 -17.90 0.94
N GLY A 34 -14.03 -17.67 0.38
CA GLY A 34 -14.86 -18.75 -0.15
C GLY A 34 -15.63 -19.51 0.92
N ALA A 35 -16.11 -20.71 0.59
CA ALA A 35 -16.97 -21.49 1.49
C ALA A 35 -18.11 -20.59 1.94
N LEU A 36 -18.85 -20.08 0.97
CA LEU A 36 -19.76 -18.97 1.14
C LEU A 36 -21.07 -19.38 1.85
N HIS A 37 -21.56 -18.48 2.69
CA HIS A 37 -22.79 -18.69 3.46
C HIS A 37 -23.63 -17.41 3.41
N ASP A 38 -24.79 -17.41 4.09
CA ASP A 38 -25.74 -16.29 3.96
C ASP A 38 -25.21 -14.93 4.44
N GLY A 39 -24.17 -14.94 5.27
CA GLY A 39 -23.50 -13.71 5.68
C GLY A 39 -22.87 -13.03 4.48
N HIS A 40 -22.13 -13.80 3.69
CA HIS A 40 -21.51 -13.30 2.46
C HIS A 40 -22.60 -12.90 1.46
N LEU A 41 -23.63 -13.71 1.34
CA LEU A 41 -24.69 -13.44 0.36
C LEU A 41 -25.47 -12.17 0.70
N THR A 42 -25.56 -11.84 1.99
CA THR A 42 -26.21 -10.61 2.40
C THR A 42 -25.41 -9.40 1.86
N MET A 43 -24.08 -9.48 1.94
CA MET A 43 -23.23 -8.44 1.36
C MET A 43 -23.38 -8.40 -0.17
N VAL A 44 -23.40 -9.57 -0.80
CA VAL A 44 -23.55 -9.64 -2.26
C VAL A 44 -24.89 -9.03 -2.70
N ARG A 45 -25.95 -9.33 -1.94
CA ARG A 45 -27.29 -8.81 -2.24
C ARG A 45 -27.30 -7.28 -2.19
N GLU A 46 -26.67 -6.69 -1.18
CA GLU A 46 -26.66 -5.24 -1.04
C GLU A 46 -25.88 -4.62 -2.20
N SER A 47 -24.70 -5.16 -2.50
CA SER A 47 -23.91 -4.75 -3.65
C SER A 47 -24.67 -4.81 -4.98
N VAL A 48 -25.40 -5.89 -5.24
CA VAL A 48 -26.18 -6.00 -6.50
C VAL A 48 -27.29 -4.96 -6.58
N SER A 49 -27.83 -4.57 -5.42
CA SER A 49 -28.83 -3.49 -5.36
C SER A 49 -28.24 -2.12 -5.67
N THR A 50 -27.01 -1.88 -5.24
CA THR A 50 -26.40 -0.55 -5.27
C THR A 50 -25.58 -0.29 -6.53
N ASN A 51 -24.87 -1.30 -7.01
CA ASN A 51 -23.86 -1.13 -8.06
C ASN A 51 -24.23 -1.83 -9.36
N ASP A 52 -23.67 -1.34 -10.47
CA ASP A 52 -23.91 -1.91 -11.80
C ASP A 52 -23.34 -3.33 -11.96
N ILE A 53 -22.11 -3.53 -11.49
CA ILE A 53 -21.57 -4.89 -11.43
C ILE A 53 -21.07 -5.21 -10.02
N THR A 54 -21.09 -6.49 -9.69
CA THR A 54 -20.69 -6.97 -8.38
C THR A 54 -19.65 -8.06 -8.56
N VAL A 55 -18.51 -7.87 -7.88
CA VAL A 55 -17.37 -8.78 -7.97
C VAL A 55 -17.18 -9.38 -6.58
N VAL A 56 -17.12 -10.71 -6.53
CA VAL A 56 -16.77 -11.43 -5.30
C VAL A 56 -15.42 -12.11 -5.48
N SER A 57 -14.46 -11.79 -4.63
CA SER A 57 -13.22 -12.55 -4.66
C SER A 57 -13.30 -13.77 -3.74
N VAL A 58 -12.74 -14.86 -4.21
CA VAL A 58 -12.57 -16.08 -3.41
C VAL A 58 -11.09 -16.42 -3.51
N PHE A 59 -10.39 -16.16 -2.43
CA PHE A 59 -8.95 -16.29 -2.35
C PHE A 59 -8.56 -16.60 -0.90
N VAL A 60 -8.06 -17.81 -0.66
CA VAL A 60 -7.67 -18.23 0.67
C VAL A 60 -6.25 -17.69 0.85
N ASN A 61 -6.15 -16.65 1.65
CA ASN A 61 -4.97 -15.80 1.70
C ASN A 61 -3.98 -16.39 2.67
N PRO A 62 -2.87 -16.98 2.17
CA PRO A 62 -1.97 -17.64 3.13
C PRO A 62 -1.35 -16.73 4.20
N LEU A 63 -1.19 -15.44 3.88
CA LEU A 63 -0.54 -14.52 4.80
C LEU A 63 -1.34 -14.23 6.08
N GLN A 64 -2.63 -14.49 6.08
CA GLN A 64 -3.45 -14.23 7.27
C GLN A 64 -3.68 -15.47 8.15
N PHE A 65 -3.07 -16.59 7.77
CA PHE A 65 -3.06 -17.81 8.57
C PHE A 65 -1.72 -17.96 9.26
N GLY A 66 -1.75 -18.22 10.55
CA GLY A 66 -0.54 -18.38 11.33
C GLY A 66 -0.22 -19.82 11.59
N PRO A 67 0.79 -20.08 12.44
CA PRO A 67 1.14 -21.45 12.80
C PRO A 67 0.01 -22.11 13.58
N ASN A 68 -0.24 -23.38 13.29
CA ASN A 68 -1.29 -24.15 13.94
C ASN A 68 -2.70 -23.57 13.75
N GLU A 69 -2.89 -22.74 12.74
CA GLU A 69 -4.24 -22.39 12.32
C GLU A 69 -4.62 -23.36 11.20
N ASP A 70 -5.67 -23.05 10.45
CA ASP A 70 -6.34 -24.05 9.63
C ASP A 70 -6.24 -23.80 8.13
N PHE A 71 -5.07 -23.35 7.65
CA PHE A 71 -4.93 -23.02 6.22
C PHE A 71 -5.21 -24.20 5.30
N ASP A 72 -4.66 -25.36 5.63
CA ASP A 72 -4.83 -26.57 4.80
C ASP A 72 -6.25 -27.11 4.87
N ALA A 73 -6.85 -27.00 6.05
CA ALA A 73 -8.20 -27.54 6.27
C ALA A 73 -9.27 -26.59 5.77
N TYR A 74 -8.91 -25.33 5.50
CA TYR A 74 -9.91 -24.33 5.15
C TYR A 74 -10.81 -24.85 4.02
N PRO A 75 -12.16 -24.82 4.23
CA PRO A 75 -13.02 -25.37 3.20
C PRO A 75 -12.89 -24.65 1.84
N ARG A 76 -12.85 -25.45 0.79
CA ARG A 76 -12.75 -24.96 -0.56
C ARG A 76 -13.81 -25.66 -1.41
N GLN A 77 -14.53 -24.86 -2.20
CA GLN A 77 -15.69 -25.34 -2.95
C GLN A 77 -16.06 -24.29 -3.98
N ILE A 78 -15.14 -24.04 -4.92
CA ILE A 78 -15.27 -22.90 -5.82
C ILE A 78 -16.53 -22.97 -6.73
N ASP A 79 -16.85 -24.15 -7.24
CA ASP A 79 -18.07 -24.33 -8.06
C ASP A 79 -19.34 -23.98 -7.28
N LYS A 80 -19.44 -24.47 -6.06
CA LYS A 80 -20.58 -24.17 -5.18
C LYS A 80 -20.61 -22.68 -4.83
N ASP A 81 -19.45 -22.11 -4.51
CA ASP A 81 -19.35 -20.67 -4.28
C ASP A 81 -19.82 -19.86 -5.49
N LEU A 82 -19.37 -20.23 -6.69
CA LEU A 82 -19.78 -19.55 -7.92
C LEU A 82 -21.30 -19.65 -8.13
N GLU A 83 -21.87 -20.82 -7.85
CA GLU A 83 -23.33 -21.03 -7.96
C GLU A 83 -24.10 -20.15 -6.98
N LEU A 84 -23.65 -20.14 -5.72
CA LEU A 84 -24.29 -19.35 -4.67
C LEU A 84 -24.39 -17.88 -5.02
N VAL A 85 -23.27 -17.30 -5.46
CA VAL A 85 -23.29 -15.88 -5.79
C VAL A 85 -23.97 -15.60 -7.13
N SER A 86 -23.98 -16.58 -8.05
CA SER A 86 -24.72 -16.43 -9.31
C SER A 86 -26.22 -16.26 -9.03
N GLU A 87 -26.73 -17.07 -8.10
CA GLU A 87 -28.15 -17.09 -7.75
C GLU A 87 -28.61 -15.72 -7.23
N VAL A 88 -27.71 -14.99 -6.59
CA VAL A 88 -27.96 -13.68 -6.00
C VAL A 88 -27.66 -12.49 -6.96
N GLY A 89 -27.22 -12.79 -8.18
CA GLY A 89 -27.00 -11.74 -9.22
C GLY A 89 -25.59 -11.17 -9.34
N ALA A 90 -24.60 -11.79 -8.70
CA ALA A 90 -23.20 -11.37 -8.85
C ALA A 90 -22.72 -11.59 -10.28
N ASP A 91 -21.79 -10.75 -10.73
CA ASP A 91 -21.31 -10.81 -12.11
C ASP A 91 -20.03 -11.61 -12.27
N ILE A 92 -19.09 -11.40 -11.36
CA ILE A 92 -17.76 -11.98 -11.43
C ILE A 92 -17.36 -12.62 -10.11
N VAL A 93 -16.77 -13.82 -10.18
CA VAL A 93 -15.99 -14.36 -9.09
C VAL A 93 -14.49 -14.27 -9.47
N PHE A 94 -13.75 -13.46 -8.71
CA PHE A 94 -12.32 -13.31 -8.92
C PHE A 94 -11.57 -14.30 -8.02
N HIS A 95 -10.85 -15.22 -8.64
CA HIS A 95 -10.25 -16.37 -7.95
C HIS A 95 -8.82 -16.55 -8.47
N PRO A 96 -7.89 -15.68 -8.05
CA PRO A 96 -6.51 -15.78 -8.55
C PRO A 96 -5.70 -16.90 -7.89
N ALA A 97 -4.67 -17.35 -8.58
CA ALA A 97 -3.73 -18.31 -7.99
C ALA A 97 -2.88 -17.62 -6.93
N VAL A 98 -2.50 -18.34 -5.88
CA VAL A 98 -1.61 -17.78 -4.85
C VAL A 98 -0.35 -17.19 -5.49
N GLU A 99 0.20 -17.89 -6.48
CA GLU A 99 1.43 -17.46 -7.16
C GLU A 99 1.26 -16.20 -8.01
N ASP A 100 0.05 -15.94 -8.50
CA ASP A 100 -0.28 -14.75 -9.29
C ASP A 100 -0.35 -13.54 -8.33
N MET A 101 -0.96 -13.73 -7.15
CA MET A 101 -1.03 -12.69 -6.13
C MET A 101 0.32 -12.46 -5.46
N TYR A 102 1.07 -13.54 -5.24
CA TYR A 102 2.33 -13.50 -4.51
C TYR A 102 3.42 -14.20 -5.31
N PRO A 103 3.96 -13.52 -6.34
CA PRO A 103 4.97 -14.14 -7.19
C PRO A 103 6.34 -14.01 -6.53
N GLY A 104 6.66 -14.95 -5.65
CA GLY A 104 7.85 -14.85 -4.82
C GLY A 104 7.63 -13.91 -3.64
N GLU A 105 8.73 -13.42 -3.07
CA GLU A 105 8.68 -12.62 -1.85
C GLU A 105 8.36 -11.17 -2.14
N LEU A 106 7.53 -10.58 -1.28
CA LEU A 106 7.21 -9.15 -1.35
C LEU A 106 8.45 -8.32 -1.01
N GLY A 107 8.70 -7.29 -1.81
CA GLY A 107 9.82 -6.38 -1.55
C GLY A 107 9.45 -5.22 -0.63
N ILE A 108 8.15 -4.92 -0.54
CA ILE A 108 7.63 -3.93 0.39
C ILE A 108 6.67 -4.68 1.34
N ASP A 109 6.76 -4.35 2.63
CA ASP A 109 5.95 -4.97 3.66
C ASP A 109 4.97 -3.96 4.22
N VAL A 110 3.71 -4.37 4.37
CA VAL A 110 2.67 -3.53 4.96
C VAL A 110 2.31 -4.09 6.32
N LYS A 111 2.36 -3.23 7.34
CA LYS A 111 2.15 -3.66 8.72
C LYS A 111 1.18 -2.75 9.46
N VAL A 112 0.29 -3.35 10.24
CA VAL A 112 -0.66 -2.57 11.03
C VAL A 112 0.01 -2.13 12.34
N GLY A 113 -0.22 -0.88 12.71
CA GLY A 113 0.22 -0.34 13.97
C GLY A 113 -0.65 -0.73 15.17
N PRO A 114 -0.88 0.21 16.10
CA PRO A 114 -1.57 0.00 17.37
C PRO A 114 -2.92 -0.73 17.32
N LEU A 115 -3.65 -0.59 16.23
CA LEU A 115 -4.94 -1.28 16.13
C LEU A 115 -4.80 -2.80 16.14
N ALA A 116 -3.60 -3.30 15.82
CA ALA A 116 -3.31 -4.73 15.82
C ALA A 116 -2.47 -5.21 17.01
N ASP A 117 -2.28 -4.36 18.03
CA ASP A 117 -1.53 -4.76 19.23
C ASP A 117 -2.44 -5.33 20.33
N VAL A 118 -3.74 -5.32 20.09
CA VAL A 118 -4.72 -5.75 21.06
C VAL A 118 -5.67 -6.75 20.42
N LEU A 119 -6.36 -7.48 21.29
CA LEU A 119 -7.43 -8.39 20.89
C LEU A 119 -6.95 -9.43 19.89
N GLU A 120 -7.57 -9.51 18.72
CA GLU A 120 -7.23 -10.57 17.77
C GLU A 120 -5.86 -10.38 17.17
N GLY A 121 -5.36 -9.14 17.16
CA GLY A 121 -4.00 -8.88 16.70
C GLY A 121 -2.95 -9.43 17.64
N ALA A 122 -3.26 -9.46 18.95
CA ALA A 122 -2.39 -10.08 19.94
C ALA A 122 -2.59 -11.60 19.95
N LYS A 123 -3.83 -12.05 19.79
CA LYS A 123 -4.13 -13.48 19.73
C LYS A 123 -3.60 -14.15 18.45
N ARG A 124 -3.54 -13.40 17.35
CA ARG A 124 -3.11 -13.96 16.07
C ARG A 124 -2.02 -13.07 15.46
N PRO A 125 -0.77 -13.20 15.93
CA PRO A 125 0.32 -12.32 15.50
C PRO A 125 0.52 -12.36 13.99
N GLY A 126 0.50 -11.18 13.36
CA GLY A 126 0.70 -11.07 11.92
C GLY A 126 -0.57 -11.22 11.10
N HIS A 127 -1.68 -11.59 11.76
CA HIS A 127 -2.92 -11.88 11.04
C HIS A 127 -3.42 -10.66 10.29
N PHE A 128 -3.52 -9.51 10.95
CA PHE A 128 -4.04 -8.33 10.29
C PHE A 128 -3.06 -7.74 9.27
N ASP A 129 -1.76 -7.97 9.47
CA ASP A 129 -0.78 -7.61 8.45
C ASP A 129 -1.11 -8.35 7.16
N GLY A 130 -1.47 -9.64 7.28
CA GLY A 130 -1.86 -10.44 6.12
C GLY A 130 -3.14 -9.94 5.46
N VAL A 131 -4.11 -9.54 6.28
CA VAL A 131 -5.37 -9.05 5.78
C VAL A 131 -5.22 -7.75 4.99
N VAL A 132 -4.55 -6.74 5.57
CA VAL A 132 -4.35 -5.47 4.87
C VAL A 132 -3.52 -5.66 3.60
N THR A 133 -2.55 -6.58 3.63
CA THR A 133 -1.71 -6.87 2.46
C THR A 133 -2.59 -7.30 1.28
N VAL A 134 -3.41 -8.32 1.51
CA VAL A 134 -4.26 -8.84 0.44
C VAL A 134 -5.39 -7.86 0.07
N VAL A 135 -5.97 -7.17 1.05
CA VAL A 135 -7.06 -6.23 0.73
C VAL A 135 -6.56 -5.03 -0.08
N ASN A 136 -5.38 -4.52 0.29
CA ASN A 136 -4.74 -3.45 -0.45
C ASN A 136 -4.57 -3.83 -1.95
N LYS A 137 -4.05 -5.04 -2.19
CA LYS A 137 -3.83 -5.56 -3.54
C LYS A 137 -5.14 -5.70 -4.31
N LEU A 138 -6.13 -6.33 -3.67
CA LEU A 138 -7.46 -6.52 -4.24
C LEU A 138 -8.16 -5.20 -4.58
N PHE A 139 -7.99 -4.18 -3.75
CA PHE A 139 -8.53 -2.86 -4.08
C PHE A 139 -7.84 -2.25 -5.31
N ASN A 140 -6.54 -2.49 -5.45
CA ASN A 140 -5.82 -1.97 -6.60
C ASN A 140 -6.16 -2.73 -7.88
N ILE A 141 -6.54 -4.00 -7.73
CA ILE A 141 -6.96 -4.84 -8.87
C ILE A 141 -8.39 -4.54 -9.36
N VAL A 142 -9.32 -4.52 -8.42
CA VAL A 142 -10.77 -4.45 -8.71
C VAL A 142 -11.30 -3.01 -8.80
N MET A 143 -10.56 -2.09 -8.18
CA MET A 143 -10.88 -0.65 -8.15
CA MET A 143 -10.88 -0.67 -8.18
C MET A 143 -12.37 -0.40 -7.94
N PRO A 144 -12.91 -0.92 -6.83
CA PRO A 144 -14.34 -0.79 -6.61
C PRO A 144 -14.73 0.59 -6.11
N ASP A 145 -15.98 0.94 -6.37
CA ASP A 145 -16.59 2.11 -5.75
C ASP A 145 -16.95 1.85 -4.28
N TYR A 146 -17.48 0.65 -4.02
CA TYR A 146 -17.84 0.20 -2.68
C TYR A 146 -17.25 -1.16 -2.42
N ALA A 147 -16.75 -1.37 -1.19
CA ALA A 147 -16.27 -2.66 -0.73
C ALA A 147 -17.00 -3.02 0.56
N TYR A 148 -17.46 -4.25 0.65
CA TYR A 148 -18.34 -4.70 1.72
C TYR A 148 -17.61 -5.64 2.66
N PHE A 149 -17.74 -5.35 3.95
CA PHE A 149 -17.14 -6.13 5.02
C PHE A 149 -18.15 -6.36 6.13
N GLY A 150 -17.88 -7.39 6.92
CA GLY A 150 -18.81 -7.83 7.94
C GLY A 150 -18.35 -7.36 9.29
N LYS A 151 -19.32 -6.85 10.05
CA LYS A 151 -19.07 -6.36 11.41
C LYS A 151 -18.79 -7.50 12.38
N LYS A 152 -18.90 -8.75 11.94
CA LYS A 152 -18.49 -9.87 12.79
C LYS A 152 -17.00 -9.77 13.07
N ASP A 153 -16.25 -9.30 12.07
CA ASP A 153 -14.83 -9.03 12.25
C ASP A 153 -14.67 -7.51 12.42
N ALA A 154 -15.12 -7.03 13.58
CA ALA A 154 -15.20 -5.60 13.86
C ALA A 154 -13.81 -4.96 13.87
N GLN A 155 -12.84 -5.67 14.42
CA GLN A 155 -11.49 -5.17 14.50
C GLN A 155 -10.90 -5.10 13.08
N GLN A 156 -11.14 -6.12 12.28
CA GLN A 156 -10.72 -6.07 10.87
C GLN A 156 -11.34 -4.88 10.14
N LEU A 157 -12.64 -4.65 10.38
CA LEU A 157 -13.34 -3.56 9.73
C LEU A 157 -12.68 -2.21 10.05
N ALA A 158 -12.38 -1.95 11.31
CA ALA A 158 -11.73 -0.71 11.73
C ALA A 158 -10.35 -0.57 11.10
N ILE A 159 -9.63 -1.67 10.99
CA ILE A 159 -8.28 -1.66 10.44
C ILE A 159 -8.32 -1.35 8.94
N VAL A 160 -9.27 -1.98 8.24
CA VAL A 160 -9.43 -1.75 6.80
C VAL A 160 -9.82 -0.31 6.52
N GLU A 161 -10.75 0.21 7.31
CA GLU A 161 -11.13 1.61 7.20
C GLU A 161 -9.93 2.56 7.42
N GLN A 162 -9.07 2.24 8.36
CA GLN A 162 -7.89 3.06 8.59
C GLN A 162 -6.95 2.96 7.38
N MET A 163 -6.81 1.76 6.83
CA MET A 163 -5.93 1.54 5.68
CA MET A 163 -5.92 1.55 5.68
C MET A 163 -6.40 2.36 4.48
N VAL A 164 -7.72 2.38 4.26
CA VAL A 164 -8.27 3.11 3.14
C VAL A 164 -7.93 4.60 3.31
N LYS A 165 -8.06 5.11 4.53
CA LYS A 165 -7.73 6.50 4.85
C LYS A 165 -6.25 6.78 4.62
N ASP A 166 -5.40 5.95 5.25
CA ASP A 166 -3.93 6.07 5.17
C ASP A 166 -3.38 6.02 3.75
N PHE A 167 -3.96 5.17 2.90
CA PHE A 167 -3.48 4.95 1.53
C PHE A 167 -4.22 5.78 0.47
N ASN A 168 -5.24 6.53 0.89
CA ASN A 168 -6.11 7.32 -0.03
C ASN A 168 -6.77 6.46 -1.12
N HIS A 169 -7.21 5.26 -0.77
CA HIS A 169 -8.00 4.44 -1.68
C HIS A 169 -9.34 5.16 -1.88
N ALA A 170 -9.75 5.31 -3.13
CA ALA A 170 -11.02 6.01 -3.44
C ALA A 170 -12.26 5.23 -2.96
N VAL A 171 -12.11 3.96 -2.66
CA VAL A 171 -13.21 3.08 -2.26
C VAL A 171 -13.95 3.48 -0.98
N GLU A 172 -15.27 3.30 -0.98
CA GLU A 172 -16.07 3.50 0.24
C GLU A 172 -16.35 2.13 0.88
N ILE A 173 -16.01 2.03 2.17
CA ILE A 173 -16.20 0.80 2.94
C ILE A 173 -17.61 0.79 3.57
N ILE A 174 -18.32 -0.32 3.38
CA ILE A 174 -19.64 -0.55 3.98
C ILE A 174 -19.51 -1.74 4.89
N GLY A 175 -19.86 -1.56 6.15
CA GLY A 175 -19.81 -2.65 7.12
C GLY A 175 -21.24 -3.13 7.29
N ILE A 176 -21.44 -4.45 7.23
CA ILE A 176 -22.78 -5.04 7.30
C ILE A 176 -22.95 -5.70 8.67
N ASP A 177 -24.14 -5.55 9.26
CA ASP A 177 -24.46 -6.17 10.53
C ASP A 177 -24.22 -7.67 10.51
N ILE A 178 -23.91 -8.23 11.69
CA ILE A 178 -23.62 -9.66 11.79
C ILE A 178 -24.84 -10.47 11.37
N VAL A 179 -24.64 -11.41 10.44
CA VAL A 179 -25.70 -12.28 9.98
C VAL A 179 -25.65 -13.58 10.78
N ARG A 180 -26.80 -13.99 11.29
CA ARG A 180 -26.88 -15.12 12.22
C ARG A 180 -27.80 -16.23 11.73
N GLU A 181 -27.54 -17.45 12.19
CA GLU A 181 -28.49 -18.55 12.14
C GLU A 181 -29.70 -18.17 12.97
N ALA A 182 -30.81 -18.86 12.75
CA ALA A 182 -32.04 -18.57 13.48
C ALA A 182 -31.83 -18.64 15.01
N ASP A 183 -30.96 -19.54 15.46
CA ASP A 183 -30.72 -19.65 16.91
C ASP A 183 -29.72 -18.62 17.45
N GLY A 184 -29.19 -17.78 16.57
CA GLY A 184 -28.29 -16.69 16.95
C GLY A 184 -26.83 -16.90 16.61
N LEU A 185 -26.44 -18.12 16.26
CA LEU A 185 -25.03 -18.40 15.98
C LEU A 185 -24.57 -17.55 14.82
N ALA A 186 -23.49 -16.79 14.98
CA ALA A 186 -22.96 -15.97 13.89
C ALA A 186 -22.52 -16.88 12.74
N LYS A 187 -22.93 -16.53 11.52
CA LYS A 187 -22.56 -17.30 10.34
C LYS A 187 -21.03 -17.23 10.17
N SER A 188 -20.44 -18.36 9.82
CA SER A 188 -19.00 -18.44 9.61
C SER A 188 -18.71 -19.69 8.80
N SER A 189 -17.79 -19.61 7.86
CA SER A 189 -17.37 -20.78 7.12
C SER A 189 -16.77 -21.83 8.06
N ARG A 190 -16.26 -21.40 9.21
CA ARG A 190 -15.66 -22.32 10.17
C ARG A 190 -16.68 -23.06 11.03
N ASN A 191 -17.97 -22.70 10.95
CA ASN A 191 -19.01 -23.43 11.70
C ASN A 191 -19.12 -24.92 11.30
N VAL A 192 -18.71 -25.25 10.09
CA VAL A 192 -18.75 -26.64 9.60
C VAL A 192 -17.80 -27.57 10.38
N TYR A 193 -16.79 -26.98 11.03
CA TYR A 193 -15.86 -27.73 11.87
C TYR A 193 -16.49 -28.15 13.20
N LEU A 194 -17.63 -27.55 13.58
CA LEU A 194 -18.27 -27.84 14.87
C LEU A 194 -18.94 -29.21 14.85
N THR A 195 -18.75 -29.99 15.92
CA THR A 195 -19.49 -31.22 16.10
C THR A 195 -20.94 -30.90 16.43
N GLU A 196 -21.80 -31.90 16.34
CA GLU A 196 -23.23 -31.73 16.62
C GLU A 196 -23.44 -31.00 17.96
N GLN A 197 -22.77 -31.51 19.00
CA GLN A 197 -22.89 -30.98 20.37
C GLN A 197 -22.30 -29.58 20.56
N GLU A 198 -21.14 -29.34 19.96
CA GLU A 198 -20.51 -28.02 20.00
C GLU A 198 -21.41 -26.98 19.31
N ARG A 199 -22.03 -27.35 18.20
CA ARG A 199 -22.97 -26.49 17.49
C ARG A 199 -24.08 -26.02 18.42
N GLN A 200 -24.58 -26.93 19.26
CA GLN A 200 -25.61 -26.59 20.26
C GLN A 200 -25.06 -25.69 21.35
N GLU A 201 -23.83 -25.96 21.77
CA GLU A 201 -23.16 -25.07 22.73
C GLU A 201 -22.82 -23.71 22.13
N ALA A 202 -22.40 -23.68 20.86
CA ALA A 202 -21.90 -22.44 20.26
C ALA A 202 -22.93 -21.31 20.23
N VAL A 203 -24.22 -21.66 20.32
CA VAL A 203 -25.27 -20.65 20.39
C VAL A 203 -25.15 -19.74 21.62
N HIS A 204 -24.45 -20.21 22.66
CA HIS A 204 -24.31 -19.45 23.89
C HIS A 204 -23.32 -18.30 23.79
N LEU A 205 -22.52 -18.25 22.73
CA LEU A 205 -21.72 -17.05 22.50
C LEU A 205 -22.65 -15.86 22.28
N SER A 206 -23.56 -15.97 21.31
CA SER A 206 -24.52 -14.91 21.07
C SER A 206 -25.39 -14.60 22.30
N LYS A 207 -25.88 -15.63 22.98
CA LYS A 207 -26.66 -15.43 24.20
C LYS A 207 -25.90 -14.64 25.29
N SER A 208 -24.60 -14.88 25.40
CA SER A 208 -23.78 -14.20 26.40
C SER A 208 -23.63 -12.72 26.06
N LEU A 209 -23.66 -12.39 24.77
CA LEU A 209 -23.63 -10.99 24.35
C LEU A 209 -24.96 -10.29 24.64
N LEU A 210 -26.08 -11.02 24.56
CA LEU A 210 -27.38 -10.43 24.91
C LEU A 210 -27.41 -10.21 26.43
N LEU A 211 -26.76 -11.10 27.17
CA LEU A 211 -26.56 -10.95 28.62
C LEU A 211 -25.75 -9.70 28.93
N ALA A 212 -24.65 -9.51 28.22
CA ALA A 212 -23.82 -8.33 28.39
C ALA A 212 -24.60 -7.06 28.06
N GLN A 213 -25.40 -7.11 27.00
CA GLN A 213 -26.25 -5.98 26.62
C GLN A 213 -27.30 -5.65 27.69
N ALA A 214 -27.93 -6.66 28.27
CA ALA A 214 -28.93 -6.41 29.32
C ALA A 214 -28.24 -5.79 30.55
N LEU A 215 -27.08 -6.32 30.94
CA LEU A 215 -26.32 -5.80 32.07
C LEU A 215 -26.03 -4.32 31.84
N TYR A 216 -25.58 -3.99 30.63
CA TYR A 216 -25.36 -2.61 30.21
C TYR A 216 -26.67 -1.80 30.22
N GLN A 217 -27.72 -2.37 29.65
CA GLN A 217 -29.07 -1.76 29.65
C GLN A 217 -29.53 -1.42 31.06
N ASP A 218 -29.32 -2.33 32.01
CA ASP A 218 -29.77 -2.14 33.40
C ASP A 218 -28.81 -1.23 34.21
N GLY A 219 -27.73 -0.78 33.58
CA GLY A 219 -26.91 0.30 34.12
C GLY A 219 -25.49 -0.06 34.50
N GLU A 220 -25.06 -1.28 34.19
CA GLU A 220 -23.69 -1.68 34.50
C GLU A 220 -22.71 -0.95 33.61
N ARG A 221 -21.67 -0.38 34.22
CA ARG A 221 -20.57 0.27 33.49
C ARG A 221 -19.17 -0.22 33.91
N GLN A 222 -19.07 -1.11 34.90
CA GLN A 222 -17.77 -1.70 35.23
C GLN A 222 -17.51 -2.86 34.27
N SER A 223 -16.48 -2.72 33.43
CA SER A 223 -16.16 -3.76 32.46
C SER A 223 -15.89 -5.08 33.15
N LYS A 224 -15.19 -5.03 34.30
CA LYS A 224 -14.85 -6.25 35.05
C LYS A 224 -16.10 -7.07 35.36
N VAL A 225 -17.19 -6.42 35.75
CA VAL A 225 -18.42 -7.13 36.11
C VAL A 225 -19.04 -7.79 34.88
N ILE A 226 -19.08 -7.04 33.78
CA ILE A 226 -19.63 -7.59 32.53
C ILE A 226 -18.83 -8.80 32.11
N ILE A 227 -17.50 -8.65 32.06
CA ILE A 227 -16.59 -9.72 31.64
C ILE A 227 -16.72 -10.97 32.50
N ASP A 228 -16.82 -10.80 33.82
CA ASP A 228 -16.98 -11.92 34.74
C ASP A 228 -18.32 -12.63 34.51
N LYS A 229 -19.40 -11.86 34.38
CA LYS A 229 -20.74 -12.44 34.22
C LYS A 229 -20.88 -13.16 32.88
N VAL A 230 -20.33 -12.58 31.83
CA VAL A 230 -20.27 -13.25 30.52
C VAL A 230 -19.41 -14.48 30.59
N THR A 231 -18.22 -14.36 31.20
CA THR A 231 -17.30 -15.49 31.27
C THR A 231 -17.91 -16.66 32.06
N GLN A 232 -18.45 -16.36 33.22
CA GLN A 232 -19.12 -17.40 34.04
C GLN A 232 -20.28 -18.06 33.30
N TYR A 233 -21.08 -17.25 32.58
CA TYR A 233 -22.16 -17.78 31.75
C TYR A 233 -21.64 -18.76 30.68
N LEU A 234 -20.59 -18.36 29.96
CA LEU A 234 -20.01 -19.22 28.93
C LEU A 234 -19.48 -20.52 29.53
N GLU A 235 -18.78 -20.41 30.65
CA GLU A 235 -18.18 -21.57 31.31
C GLU A 235 -19.18 -22.64 31.71
N SER A 236 -20.36 -22.22 32.16
CA SER A 236 -21.40 -23.19 32.57
C SER A 236 -22.19 -23.76 31.38
N HIS A 237 -21.96 -23.24 30.17
CA HIS A 237 -22.75 -23.66 29.00
C HIS A 237 -21.97 -24.28 27.84
N ILE A 238 -20.65 -24.08 27.78
CA ILE A 238 -19.86 -24.58 26.64
C ILE A 238 -18.64 -25.40 27.06
N SER A 239 -18.24 -26.32 26.18
CA SER A 239 -17.03 -27.13 26.38
C SER A 239 -15.79 -26.46 25.77
N GLY A 240 -15.99 -25.38 25.04
CA GLY A 240 -14.90 -24.70 24.35
C GLY A 240 -14.04 -23.87 25.29
N ARG A 241 -12.79 -23.64 24.87
CA ARG A 241 -11.86 -22.80 25.60
C ARG A 241 -12.16 -21.33 25.31
N ILE A 242 -12.44 -20.56 26.37
CA ILE A 242 -12.76 -19.15 26.26
C ILE A 242 -11.46 -18.34 26.14
N GLU A 243 -11.10 -17.97 24.92
CA GLU A 243 -9.81 -17.30 24.63
C GLU A 243 -9.86 -15.81 24.95
N GLU A 244 -11.01 -15.17 24.71
CA GLU A 244 -11.18 -13.74 25.01
C GLU A 244 -12.61 -13.39 25.39
N VAL A 245 -12.73 -12.50 26.38
CA VAL A 245 -13.96 -11.78 26.64
C VAL A 245 -13.52 -10.39 27.00
N ALA A 246 -13.82 -9.41 26.15
CA ALA A 246 -13.21 -8.10 26.26
C ALA A 246 -14.16 -6.93 25.99
N VAL A 247 -13.86 -5.78 26.61
CA VAL A 247 -14.63 -4.55 26.41
C VAL A 247 -13.69 -3.42 26.03
N TYR A 248 -13.78 -2.98 24.77
CA TYR A 248 -12.85 -2.01 24.20
C TYR A 248 -13.65 -0.91 23.51
N SER A 249 -13.10 0.30 23.47
CA SER A 249 -13.74 1.37 22.69
C SER A 249 -13.76 0.95 21.23
N TYR A 250 -14.74 1.45 20.50
CA TYR A 250 -14.86 1.15 19.08
C TYR A 250 -15.18 2.44 18.34
N PRO A 251 -14.47 2.72 17.24
CA PRO A 251 -13.48 1.89 16.53
C PRO A 251 -12.02 2.07 16.98
N GLN A 252 -11.80 2.79 18.07
CA GLN A 252 -10.43 3.16 18.50
C GLN A 252 -9.66 2.00 19.14
N LEU A 253 -10.39 1.00 19.64
CA LEU A 253 -9.79 -0.23 20.17
C LEU A 253 -8.84 0.03 21.35
N VAL A 254 -9.34 0.76 22.34
CA VAL A 254 -8.59 0.99 23.57
C VAL A 254 -9.36 0.34 24.72
N GLU A 255 -8.68 -0.46 25.54
CA GLU A 255 -9.34 -1.21 26.63
C GLU A 255 -10.09 -0.28 27.58
N GLN A 256 -11.31 -0.65 27.95
CA GLN A 256 -12.12 0.13 28.88
C GLN A 256 -12.18 -0.59 30.20
N HIS A 257 -12.17 0.18 31.28
CA HIS A 257 -12.32 -0.36 32.62
C HIS A 257 -13.67 0.09 33.15
N GLU A 258 -13.89 1.41 33.14
CA GLU A 258 -15.20 1.96 33.44
C GLU A 258 -15.73 2.47 32.11
N ILE A 259 -16.90 2.00 31.72
CA ILE A 259 -17.38 2.16 30.35
C ILE A 259 -17.97 3.53 30.10
N THR A 260 -17.47 4.18 29.06
CA THR A 260 -18.04 5.41 28.53
C THR A 260 -17.92 5.33 27.01
N GLY A 261 -18.81 6.02 26.31
CA GLY A 261 -18.72 6.12 24.85
C GLY A 261 -19.16 4.87 24.13
N ARG A 262 -18.75 4.77 22.86
CA ARG A 262 -19.05 3.63 22.01
C ARG A 262 -18.02 2.54 22.25
N ILE A 263 -18.49 1.33 22.58
CA ILE A 263 -17.63 0.22 22.89
C ILE A 263 -18.07 -0.99 22.07
N PHE A 264 -17.20 -2.00 22.00
CA PHE A 264 -17.62 -3.31 21.57
C PHE A 264 -17.18 -4.39 22.57
N ILE A 265 -18.10 -5.31 22.83
CA ILE A 265 -17.84 -6.43 23.71
C ILE A 265 -17.61 -7.63 22.80
N SER A 266 -16.43 -8.22 22.90
CA SER A 266 -16.00 -9.23 21.95
C SER A 266 -15.62 -10.54 22.61
N LEU A 267 -15.79 -11.62 21.87
CA LEU A 267 -15.54 -12.97 22.36
C LEU A 267 -14.72 -13.72 21.34
N ALA A 268 -13.85 -14.58 21.85
CA ALA A 268 -13.20 -15.58 21.02
C ALA A 268 -13.22 -16.91 21.79
N VAL A 269 -13.70 -17.97 21.13
CA VAL A 269 -13.82 -19.28 21.75
C VAL A 269 -13.23 -20.36 20.85
N LYS A 270 -12.36 -21.20 21.41
CA LYS A 270 -11.77 -22.29 20.67
C LYS A 270 -12.46 -23.61 21.02
N PHE A 271 -13.28 -24.11 20.09
CA PHE A 271 -13.83 -25.46 20.21
C PHE A 271 -12.80 -26.46 19.66
N SER A 272 -13.18 -27.73 19.54
CA SER A 272 -12.25 -28.79 19.11
C SER A 272 -11.39 -28.40 17.90
N LYS A 273 -12.05 -27.99 16.82
CA LYS A 273 -11.32 -27.46 15.65
C LYS A 273 -11.73 -26.02 15.33
N ALA A 274 -13.01 -25.69 15.52
CA ALA A 274 -13.54 -24.37 15.20
C ALA A 274 -13.11 -23.30 16.21
N ARG A 275 -12.50 -22.23 15.72
CA ARG A 275 -12.28 -21.04 16.52
C ARG A 275 -13.28 -19.99 16.07
N LEU A 276 -14.23 -19.68 16.94
CA LEU A 276 -15.34 -18.75 16.62
C LEU A 276 -15.17 -17.42 17.32
N ILE A 277 -15.64 -16.36 16.68
CA ILE A 277 -15.70 -15.05 17.32
C ILE A 277 -17.09 -14.44 17.19
N ASP A 278 -17.34 -13.43 18.01
CA ASP A 278 -18.61 -12.68 17.96
C ASP A 278 -18.41 -11.39 18.75
N ASN A 279 -19.28 -10.42 18.52
CA ASN A 279 -19.26 -9.19 19.25
C ASN A 279 -20.59 -8.46 19.19
N ILE A 280 -20.74 -7.50 20.07
CA ILE A 280 -21.79 -6.51 20.01
C ILE A 280 -21.18 -5.13 20.21
N ILE A 281 -21.65 -4.17 19.42
CA ILE A 281 -21.24 -2.78 19.52
C ILE A 281 -22.37 -2.03 20.21
N ILE A 282 -22.03 -1.27 21.26
CA ILE A 282 -23.02 -0.58 22.07
C ILE A 282 -22.56 0.83 22.37
N GLY A 283 -23.54 1.72 22.56
CA GLY A 283 -23.28 3.08 23.04
C GLY A 283 -23.11 4.07 21.91
N ALA A 284 -23.09 5.35 22.27
CA ALA A 284 -23.05 6.46 21.31
C ALA A 284 -21.64 7.05 21.19
N MET B 3 -2.53 27.40 -19.62
CA MET B 3 -1.95 27.54 -18.25
C MET B 3 -2.44 26.39 -17.36
N THR B 4 -1.50 25.74 -16.68
CA THR B 4 -1.82 24.60 -15.84
C THR B 4 -2.65 25.03 -14.63
N LYS B 5 -3.61 24.19 -14.23
CA LYS B 5 -4.43 24.47 -13.06
C LYS B 5 -3.72 23.95 -11.81
N LEU B 6 -3.60 24.82 -10.80
CA LEU B 6 -3.07 24.43 -9.51
C LEU B 6 -4.20 23.82 -8.68
N ILE B 7 -4.07 22.53 -8.35
CA ILE B 7 -5.06 21.83 -7.56
C ILE B 7 -4.46 21.58 -6.18
N THR B 8 -5.10 22.09 -5.14
CA THR B 8 -4.51 22.06 -3.82
C THR B 8 -5.25 21.18 -2.81
N THR B 9 -6.27 20.43 -3.25
CA THR B 9 -6.93 19.46 -2.37
C THR B 9 -7.00 18.07 -2.99
N VAL B 10 -6.89 17.06 -2.14
CA VAL B 10 -7.06 15.69 -2.57
C VAL B 10 -8.46 15.50 -3.21
N LYS B 11 -9.51 16.05 -2.58
CA LYS B 11 -10.87 15.88 -3.10
C LYS B 11 -11.04 16.35 -4.55
N GLU B 12 -10.55 17.55 -4.86
CA GLU B 12 -10.67 18.06 -6.24
C GLU B 12 -9.81 17.24 -7.22
N MET B 13 -8.64 16.80 -6.76
CA MET B 13 -7.80 15.92 -7.59
C MET B 13 -8.54 14.61 -7.88
N GLN B 14 -9.13 14.01 -6.86
CA GLN B 14 -9.94 12.79 -7.02
C GLN B 14 -11.11 13.00 -8.01
N HIS B 15 -11.80 14.14 -7.89
CA HIS B 15 -12.92 14.47 -8.78
C HIS B 15 -12.49 14.53 -10.25
N ILE B 16 -11.38 15.21 -10.53
CA ILE B 16 -10.83 15.33 -11.88
C ILE B 16 -10.45 13.98 -12.46
N VAL B 17 -9.87 13.12 -11.63
CA VAL B 17 -9.45 11.78 -12.05
C VAL B 17 -10.63 10.88 -12.38
N LYS B 18 -11.63 10.90 -11.51
CA LYS B 18 -12.88 10.16 -11.72
CA LYS B 18 -12.88 10.16 -11.72
C LYS B 18 -13.51 10.56 -13.06
N ALA B 19 -13.56 11.87 -13.34
CA ALA B 19 -14.13 12.33 -14.61
C ALA B 19 -13.31 11.84 -15.81
N ALA B 20 -11.97 11.88 -15.69
CA ALA B 20 -11.09 11.41 -16.76
C ALA B 20 -11.29 9.92 -17.08
N LYS B 21 -11.40 9.09 -16.04
CA LYS B 21 -11.59 7.64 -16.23
C LYS B 21 -12.90 7.37 -16.99
N ARG B 22 -13.94 8.16 -16.70
CA ARG B 22 -15.22 7.98 -17.41
C ARG B 22 -15.09 8.38 -18.88
N SER B 23 -14.29 9.39 -19.14
CA SER B 23 -14.14 9.95 -20.48
C SER B 23 -13.13 9.18 -21.33
N GLY B 24 -12.41 8.24 -20.72
CA GLY B 24 -11.34 7.53 -21.41
C GLY B 24 -10.10 8.39 -21.63
N THR B 25 -9.93 9.40 -20.79
CA THR B 25 -8.80 10.30 -20.85
C THR B 25 -7.63 9.63 -20.14
N THR B 26 -6.52 9.44 -20.84
CA THR B 26 -5.33 8.81 -20.22
C THR B 26 -4.55 9.85 -19.43
N ILE B 27 -3.88 9.41 -18.36
CA ILE B 27 -3.23 10.32 -17.43
C ILE B 27 -1.76 9.94 -17.27
N GLY B 28 -0.88 10.93 -17.43
CA GLY B 28 0.51 10.80 -17.08
C GLY B 28 0.80 11.61 -15.82
N PHE B 29 1.70 11.10 -15.00
CA PHE B 29 1.95 11.67 -13.69
C PHE B 29 3.44 11.73 -13.43
N ILE B 30 3.90 12.93 -13.03
CA ILE B 30 5.30 13.19 -12.65
C ILE B 30 5.34 13.72 -11.21
N PRO B 31 5.68 12.86 -10.24
CA PRO B 31 5.83 13.33 -8.87
C PRO B 31 7.13 14.05 -8.63
N THR B 32 7.06 15.22 -8.01
CA THR B 32 8.24 16.01 -7.71
C THR B 32 8.05 16.71 -6.37
N MET B 33 9.14 17.26 -5.85
CA MET B 33 9.12 18.11 -4.68
C MET B 33 9.36 19.58 -5.03
N GLY B 34 9.12 19.93 -6.29
CA GLY B 34 9.22 21.32 -6.73
C GLY B 34 10.66 21.75 -7.04
N ALA B 35 10.86 23.06 -7.22
CA ALA B 35 12.15 23.61 -7.69
C ALA B 35 12.56 22.90 -8.99
N LEU B 36 11.69 23.05 -9.99
CA LEU B 36 11.79 22.29 -11.23
C LEU B 36 12.85 22.81 -12.20
N HIS B 37 13.48 21.89 -12.92
CA HIS B 37 14.51 22.21 -13.90
C HIS B 37 14.33 21.30 -15.12
N ASP B 38 15.29 21.30 -16.04
CA ASP B 38 15.13 20.58 -17.31
C ASP B 38 14.96 19.08 -17.18
N GLY B 39 15.54 18.48 -16.15
CA GLY B 39 15.35 17.06 -15.86
C GLY B 39 13.89 16.74 -15.65
N HIS B 40 13.24 17.52 -14.80
CA HIS B 40 11.79 17.38 -14.60
C HIS B 40 11.02 17.65 -15.87
N LEU B 41 11.36 18.72 -16.57
CA LEU B 41 10.64 19.11 -17.79
C LEU B 41 10.73 18.08 -18.92
N THR B 42 11.85 17.35 -19.00
CA THR B 42 11.97 16.28 -19.99
C THR B 42 10.89 15.21 -19.76
N MET B 43 10.72 14.84 -18.49
CA MET B 43 9.68 13.89 -18.11
C MET B 43 8.29 14.43 -18.42
N VAL B 44 8.05 15.70 -18.09
CA VAL B 44 6.78 16.34 -18.43
C VAL B 44 6.53 16.31 -19.94
N ARG B 45 7.55 16.67 -20.73
CA ARG B 45 7.42 16.65 -22.20
C ARG B 45 7.04 15.26 -22.70
N GLU B 46 7.70 14.25 -22.12
CA GLU B 46 7.45 12.87 -22.47
C GLU B 46 5.99 12.52 -22.22
N SER B 47 5.46 12.95 -21.07
CA SER B 47 4.08 12.65 -20.69
C SER B 47 3.08 13.34 -21.61
N VAL B 48 3.34 14.61 -21.93
CA VAL B 48 2.45 15.38 -22.81
C VAL B 48 2.35 14.74 -24.21
N SER B 49 3.45 14.21 -24.73
CA SER B 49 3.44 13.47 -26.01
C SER B 49 2.62 12.20 -25.99
N THR B 50 2.59 11.52 -24.84
CA THR B 50 2.00 10.18 -24.76
C THR B 50 0.55 10.18 -24.28
N ASN B 51 0.22 11.06 -23.34
CA ASN B 51 -1.03 11.01 -22.58
C ASN B 51 -1.97 12.19 -22.85
N ASP B 52 -3.25 12.01 -22.55
CA ASP B 52 -4.27 13.04 -22.79
C ASP B 52 -4.13 14.20 -21.84
N ILE B 53 -3.90 13.90 -20.56
CA ILE B 53 -3.57 14.92 -19.59
C ILE B 53 -2.33 14.55 -18.79
N THR B 54 -1.64 15.57 -18.30
CA THR B 54 -0.40 15.38 -17.59
C THR B 54 -0.50 16.17 -16.28
N VAL B 55 -0.29 15.43 -15.19
CA VAL B 55 -0.34 15.95 -13.83
C VAL B 55 1.07 15.93 -13.27
N VAL B 56 1.51 17.05 -12.72
CA VAL B 56 2.77 17.14 -12.02
C VAL B 56 2.45 17.42 -10.54
N SER B 57 2.89 16.56 -9.64
CA SER B 57 2.76 16.89 -8.22
C SER B 57 3.98 17.68 -7.74
N VAL B 58 3.72 18.64 -6.87
CA VAL B 58 4.74 19.36 -6.11
C VAL B 58 4.37 19.21 -4.65
N PHE B 59 5.12 18.36 -3.95
CA PHE B 59 4.84 18.06 -2.56
C PHE B 59 6.13 17.70 -1.87
N VAL B 60 6.55 18.56 -0.94
CA VAL B 60 7.73 18.31 -0.14
C VAL B 60 7.31 17.36 0.98
N ASN B 61 7.67 16.09 0.80
CA ASN B 61 7.19 15.01 1.66
C ASN B 61 8.03 14.91 2.92
N PRO B 62 7.49 15.26 4.09
CA PRO B 62 8.32 15.26 5.32
C PRO B 62 8.90 13.90 5.70
N LEU B 63 8.21 12.82 5.34
CA LEU B 63 8.62 11.47 5.72
C LEU B 63 9.92 11.01 5.07
N GLN B 64 10.38 11.70 4.02
CA GLN B 64 11.64 11.30 3.37
C GLN B 64 12.78 12.27 3.64
N PHE B 65 12.62 13.13 4.64
CA PHE B 65 13.71 13.95 5.16
C PHE B 65 14.05 13.50 6.58
N GLY B 66 15.28 13.78 7.00
CA GLY B 66 15.70 13.49 8.37
C GLY B 66 14.97 14.33 9.41
N PRO B 67 15.02 13.91 10.68
CA PRO B 67 14.30 14.60 11.74
C PRO B 67 14.71 16.06 12.03
N ASN B 68 15.96 16.45 11.70
CA ASN B 68 16.42 17.82 12.00
C ASN B 68 16.21 18.81 10.85
N GLU B 69 15.69 18.34 9.73
CA GLU B 69 15.56 19.16 8.53
C GLU B 69 14.43 20.20 8.61
N ASP B 70 14.77 21.44 8.28
CA ASP B 70 13.85 22.58 8.40
C ASP B 70 12.95 22.72 7.15
N PHE B 71 12.18 23.80 7.12
CA PHE B 71 11.52 24.27 5.91
C PHE B 71 12.57 24.85 4.97
N ALA B 73 15.30 23.89 4.40
CA ALA B 73 16.03 24.49 3.28
C ALA B 73 15.32 24.27 1.95
N TYR B 74 14.70 23.10 1.77
CA TYR B 74 14.20 22.69 0.45
C TYR B 74 13.38 23.83 -0.20
N PRO B 75 13.78 24.27 -1.41
CA PRO B 75 13.17 25.48 -1.97
C PRO B 75 11.67 25.34 -2.25
N ARG B 76 10.92 26.42 -2.01
CA ARG B 76 9.50 26.50 -2.34
C ARG B 76 9.32 27.61 -3.39
N GLN B 77 8.65 27.30 -4.51
CA GLN B 77 8.47 28.26 -5.59
C GLN B 77 7.37 27.79 -6.54
N ILE B 78 6.17 27.65 -5.99
CA ILE B 78 5.07 27.03 -6.71
C ILE B 78 4.68 27.81 -7.97
N ASP B 79 4.74 29.14 -7.91
CA ASP B 79 4.35 29.95 -9.06
C ASP B 79 5.31 29.71 -10.23
N LYS B 80 6.61 29.72 -9.95
CA LYS B 80 7.62 29.47 -10.98
C LYS B 80 7.52 28.03 -11.52
N ASP B 81 7.32 27.06 -10.63
CA ASP B 81 7.17 25.65 -11.05
C ASP B 81 5.96 25.45 -11.96
N LEU B 82 4.85 26.09 -11.56
CA LEU B 82 3.61 26.09 -12.34
C LEU B 82 3.80 26.74 -13.72
N GLU B 83 4.50 27.88 -13.76
CA GLU B 83 4.85 28.53 -15.03
C GLU B 83 5.71 27.61 -15.92
N LEU B 84 6.69 26.94 -15.32
CA LEU B 84 7.59 26.06 -16.08
C LEU B 84 6.89 24.85 -16.70
N VAL B 85 6.00 24.19 -15.97
CA VAL B 85 5.30 23.02 -16.52
C VAL B 85 4.15 23.41 -17.47
N SER B 86 3.54 24.57 -17.27
CA SER B 86 2.58 25.13 -18.24
C SER B 86 3.18 25.30 -19.63
N GLU B 87 4.39 25.87 -19.67
CA GLU B 87 5.16 26.11 -20.90
C GLU B 87 5.43 24.80 -21.67
N VAL B 88 5.51 23.69 -20.94
CA VAL B 88 5.68 22.34 -21.51
C VAL B 88 4.35 21.66 -21.85
N GLY B 89 3.24 22.25 -21.43
CA GLY B 89 1.92 21.71 -21.74
C GLY B 89 1.29 20.80 -20.70
N ALA B 90 1.80 20.83 -19.47
CA ALA B 90 1.15 20.11 -18.37
C ALA B 90 -0.20 20.76 -18.07
N ASP B 91 -1.14 19.93 -17.65
CA ASP B 91 -2.52 20.34 -17.39
C ASP B 91 -2.78 20.76 -15.95
N ILE B 92 -2.19 20.00 -15.02
CA ILE B 92 -2.48 20.15 -13.61
C ILE B 92 -1.20 20.09 -12.78
N VAL B 93 -1.06 21.02 -11.84
CA VAL B 93 -0.09 20.89 -10.75
C VAL B 93 -0.87 20.54 -9.47
N PHE B 94 -0.62 19.33 -8.96
CA PHE B 94 -1.20 18.87 -7.71
C PHE B 94 -0.28 19.22 -6.54
N HIS B 95 -0.79 20.04 -5.62
CA HIS B 95 -0.01 20.65 -4.54
C HIS B 95 -0.79 20.56 -3.23
N PRO B 96 -0.93 19.35 -2.67
CA PRO B 96 -1.71 19.19 -1.44
C PRO B 96 -0.97 19.65 -0.18
N ALA B 97 -1.73 20.03 0.84
CA ALA B 97 -1.15 20.42 2.12
C ALA B 97 -0.61 19.18 2.83
N VAL B 98 0.49 19.31 3.58
CA VAL B 98 1.01 18.17 4.35
C VAL B 98 -0.06 17.57 5.30
N GLU B 99 -0.89 18.43 5.90
CA GLU B 99 -1.99 18.02 6.81
C GLU B 99 -3.10 17.22 6.13
N ASP B 100 -3.32 17.44 4.83
CA ASP B 100 -4.36 16.74 4.07
C ASP B 100 -3.82 15.35 3.66
N MET B 101 -2.53 15.29 3.29
CA MET B 101 -1.85 14.02 3.02
C MET B 101 -1.63 13.19 4.27
N TYR B 102 -1.27 13.84 5.37
CA TYR B 102 -0.94 13.18 6.63
C TYR B 102 -1.73 13.79 7.81
N PRO B 103 -3.05 13.53 7.88
CA PRO B 103 -3.91 14.15 8.91
C PRO B 103 -3.72 13.65 10.35
N GLY B 104 -3.27 12.44 10.52
CA GLY B 104 -3.05 11.94 11.89
C GLY B 104 -1.82 11.10 11.97
N GLU B 105 -1.79 10.24 12.98
CA GLU B 105 -0.80 9.18 12.99
C GLU B 105 -1.29 8.19 11.94
N LEU B 106 -0.38 7.69 11.13
CA LEU B 106 -0.72 6.60 10.22
C LEU B 106 -1.01 5.38 11.08
N GLY B 107 -2.08 4.66 10.74
CA GLY B 107 -2.43 3.43 11.43
C GLY B 107 -1.82 2.19 10.78
N ILE B 108 -1.40 2.32 9.53
CA ILE B 108 -0.76 1.24 8.79
C ILE B 108 0.61 1.80 8.36
N ASP B 109 1.68 1.00 8.48
CA ASP B 109 3.03 1.42 8.08
C ASP B 109 3.53 0.62 6.90
N VAL B 110 4.22 1.29 5.98
CA VAL B 110 4.81 0.65 4.81
C VAL B 110 6.34 0.67 4.97
N LYS B 111 6.98 -0.48 4.80
CA LYS B 111 8.40 -0.59 5.03
C LYS B 111 9.05 -1.29 3.83
N VAL B 112 10.16 -0.75 3.33
CA VAL B 112 10.88 -1.39 2.23
C VAL B 112 11.81 -2.47 2.80
N GLY B 113 11.84 -3.61 2.12
CA GLY B 113 12.71 -4.71 2.48
C GLY B 113 14.13 -4.50 1.96
N PRO B 114 14.76 -5.56 1.42
CA PRO B 114 16.19 -5.56 1.14
C PRO B 114 16.69 -4.57 0.09
N LEU B 115 15.82 -4.07 -0.79
CA LEU B 115 16.20 -2.99 -1.71
C LEU B 115 16.63 -1.72 -0.97
N ALA B 116 16.10 -1.50 0.23
CA ALA B 116 16.50 -0.35 1.06
C ALA B 116 17.70 -0.59 2.00
N ASP B 117 18.30 -1.78 1.95
CA ASP B 117 19.37 -2.13 2.92
C ASP B 117 20.78 -1.78 2.44
N VAL B 118 20.89 -1.19 1.26
CA VAL B 118 22.18 -0.83 0.69
C VAL B 118 22.15 0.64 0.31
N LEU B 119 23.33 1.21 0.05
CA LEU B 119 23.44 2.56 -0.48
C LEU B 119 22.74 3.58 0.46
N GLU B 120 21.90 4.46 -0.08
CA GLU B 120 21.34 5.58 0.70
C GLU B 120 20.34 5.11 1.75
N GLY B 121 19.64 4.02 1.44
CA GLY B 121 18.76 3.37 2.39
C GLY B 121 19.50 2.92 3.64
N ALA B 122 20.73 2.41 3.44
CA ALA B 122 21.57 2.01 4.58
C ALA B 122 21.99 3.19 5.45
N LYS B 123 22.24 4.34 4.82
CA LYS B 123 22.66 5.54 5.55
C LYS B 123 21.47 6.18 6.26
N ARG B 124 20.32 6.20 5.60
CA ARG B 124 19.14 6.81 6.17
C ARG B 124 18.05 5.75 6.18
N PRO B 125 18.10 4.84 7.16
CA PRO B 125 17.01 3.90 7.23
C PRO B 125 15.71 4.69 7.43
N GLY B 126 14.71 4.38 6.64
CA GLY B 126 13.44 5.11 6.73
C GLY B 126 13.23 6.13 5.63
N HIS B 127 14.31 6.57 4.98
CA HIS B 127 14.15 7.44 3.82
C HIS B 127 13.21 6.83 2.80
N PHE B 128 13.54 5.62 2.33
CA PHE B 128 12.74 5.00 1.29
C PHE B 128 11.37 4.53 1.76
N ASP B 129 11.21 4.28 3.05
CA ASP B 129 9.89 4.01 3.62
C ASP B 129 9.02 5.25 3.35
N GLY B 130 9.61 6.43 3.52
CA GLY B 130 8.90 7.69 3.36
C GLY B 130 8.55 7.96 1.92
N VAL B 131 9.48 7.63 1.01
CA VAL B 131 9.23 7.73 -0.42
C VAL B 131 8.08 6.82 -0.86
N VAL B 132 8.13 5.55 -0.52
CA VAL B 132 7.11 4.62 -0.97
C VAL B 132 5.75 4.96 -0.37
N THR B 133 5.76 5.47 0.85
CA THR B 133 4.52 5.90 1.52
C THR B 133 3.84 7.00 0.68
N VAL B 134 4.56 8.07 0.35
CA VAL B 134 3.96 9.17 -0.40
C VAL B 134 3.60 8.77 -1.82
N VAL B 135 4.45 7.97 -2.47
CA VAL B 135 4.20 7.57 -3.84
C VAL B 135 2.95 6.68 -3.96
N ASN B 136 2.79 5.76 -3.01
CA ASN B 136 1.62 4.87 -2.97
C ASN B 136 0.35 5.72 -2.87
N LYS B 137 0.35 6.68 -1.95
CA LYS B 137 -0.79 7.59 -1.78
C LYS B 137 -1.11 8.41 -3.03
N LEU B 138 -0.09 9.00 -3.65
CA LEU B 138 -0.23 9.78 -4.86
C LEU B 138 -0.78 8.96 -6.04
N PHE B 139 -0.35 7.70 -6.16
CA PHE B 139 -0.89 6.81 -7.18
C PHE B 139 -2.38 6.51 -6.97
N ASN B 140 -2.79 6.39 -5.73
CA ASN B 140 -4.20 6.13 -5.41
C ASN B 140 -5.07 7.38 -5.60
N ILE B 141 -4.45 8.56 -5.45
CA ILE B 141 -5.10 9.84 -5.71
C ILE B 141 -5.21 10.14 -7.20
N VAL B 142 -4.10 10.05 -7.91
CA VAL B 142 -4.04 10.48 -9.29
C VAL B 142 -4.47 9.38 -10.28
N MET B 143 -4.28 8.13 -9.87
CA MET B 143 -4.60 6.95 -10.68
CA MET B 143 -4.62 6.97 -10.70
C MET B 143 -4.07 7.10 -12.11
N PRO B 144 -2.76 7.31 -12.22
CA PRO B 144 -2.21 7.53 -13.56
C PRO B 144 -2.08 6.24 -14.37
N ASP B 145 -2.09 6.39 -15.69
CA ASP B 145 -1.76 5.26 -16.57
C ASP B 145 -0.25 5.07 -16.61
N TYR B 146 0.47 6.20 -16.60
CA TYR B 146 1.93 6.20 -16.62
C TYR B 146 2.47 7.18 -15.58
N ALA B 147 3.53 6.79 -14.90
CA ALA B 147 4.18 7.67 -13.95
C ALA B 147 5.67 7.70 -14.26
N TYR B 148 6.25 8.90 -14.20
CA TYR B 148 7.58 9.12 -14.70
C TYR B 148 8.53 9.41 -13.54
N PHE B 149 9.66 8.72 -13.54
CA PHE B 149 10.69 8.88 -12.51
C PHE B 149 12.05 8.96 -13.19
N GLY B 150 12.93 9.80 -12.66
CA GLY B 150 14.27 9.94 -13.17
C GLY B 150 15.19 8.82 -12.74
N LYS B 151 16.10 8.45 -13.64
CA LYS B 151 17.10 7.43 -13.35
C LYS B 151 18.22 7.99 -12.51
N LYS B 152 18.22 9.30 -12.29
CA LYS B 152 19.15 9.91 -11.35
C LYS B 152 19.04 9.25 -9.97
N ASP B 153 17.83 8.92 -9.55
CA ASP B 153 17.63 8.22 -8.28
C ASP B 153 17.30 6.76 -8.62
N ALA B 154 18.33 5.97 -8.94
CA ALA B 154 18.15 4.64 -9.52
C ALA B 154 17.59 3.65 -8.50
N GLN B 155 18.04 3.76 -7.24
CA GLN B 155 17.53 2.93 -6.15
C GLN B 155 16.05 3.22 -5.94
N GLN B 156 15.71 4.50 -5.87
CA GLN B 156 14.32 4.90 -5.76
C GLN B 156 13.47 4.28 -6.86
N LEU B 157 13.95 4.35 -8.10
CA LEU B 157 13.20 3.84 -9.26
C LEU B 157 12.94 2.33 -9.11
N ALA B 158 13.97 1.58 -8.74
CA ALA B 158 13.83 0.15 -8.52
C ALA B 158 12.82 -0.17 -7.40
N ILE B 159 12.88 0.61 -6.33
CA ILE B 159 11.98 0.43 -5.19
C ILE B 159 10.52 0.76 -5.59
N VAL B 160 10.33 1.84 -6.33
CA VAL B 160 9.00 2.21 -6.79
C VAL B 160 8.44 1.16 -7.75
N GLU B 161 9.25 0.66 -8.68
CA GLU B 161 8.80 -0.43 -9.54
C GLU B 161 8.40 -1.69 -8.73
N GLN B 162 9.17 -2.03 -7.70
CA GLN B 162 8.84 -3.20 -6.88
C GLN B 162 7.52 -2.97 -6.17
N MET B 163 7.32 -1.76 -5.65
CA MET B 163 6.07 -1.44 -4.95
C MET B 163 4.85 -1.56 -5.87
N VAL B 164 4.96 -1.09 -7.10
CA VAL B 164 3.88 -1.20 -8.08
C VAL B 164 3.50 -2.69 -8.29
N LYS B 165 4.50 -3.55 -8.41
CA LYS B 165 4.29 -4.99 -8.55
C LYS B 165 3.66 -5.59 -7.30
N ASP B 166 4.25 -5.30 -6.14
CA ASP B 166 3.77 -5.82 -4.85
C ASP B 166 2.32 -5.44 -4.55
N PHE B 167 1.97 -4.21 -4.86
CA PHE B 167 0.64 -3.64 -4.55
C PHE B 167 -0.41 -3.76 -5.68
N ASN B 168 0.03 -4.23 -6.85
CA ASN B 168 -0.81 -4.35 -8.05
C ASN B 168 -1.41 -3.03 -8.52
N HIS B 169 -0.64 -1.93 -8.42
CA HIS B 169 -1.06 -0.65 -8.98
C HIS B 169 -1.09 -0.84 -10.49
N ALA B 170 -2.14 -0.33 -11.14
CA ALA B 170 -2.26 -0.48 -12.59
C ALA B 170 -1.26 0.38 -13.38
N VAL B 171 -0.58 1.28 -12.69
CA VAL B 171 0.34 2.23 -13.31
C VAL B 171 1.53 1.57 -14.01
N GLU B 172 1.93 2.08 -15.16
CA GLU B 172 3.21 1.65 -15.74
C GLU B 172 4.28 2.69 -15.42
N ILE B 173 5.40 2.22 -14.86
CA ILE B 173 6.48 3.12 -14.44
C ILE B 173 7.44 3.31 -15.61
N ILE B 174 7.73 4.57 -15.93
CA ILE B 174 8.67 4.90 -17.00
C ILE B 174 9.88 5.61 -16.42
N GLY B 175 11.05 4.98 -16.54
CA GLY B 175 12.30 5.58 -16.11
C GLY B 175 12.90 6.46 -17.20
N ILE B 176 13.18 7.72 -16.86
CA ILE B 176 13.71 8.72 -17.79
C ILE B 176 15.19 8.98 -17.51
N ASP B 177 15.99 8.95 -18.57
CA ASP B 177 17.45 9.13 -18.46
C ASP B 177 17.82 10.43 -17.76
N ILE B 178 18.94 10.39 -17.06
CA ILE B 178 19.50 11.57 -16.40
C ILE B 178 19.73 12.67 -17.44
N VAL B 179 19.17 13.83 -17.17
CA VAL B 179 19.37 14.98 -18.04
C VAL B 179 20.59 15.74 -17.55
N ARG B 180 21.47 16.12 -18.48
CA ARG B 180 22.74 16.72 -18.13
C ARG B 180 22.98 18.06 -18.80
N GLU B 181 23.82 18.87 -18.16
CA GLU B 181 24.43 20.05 -18.78
C GLU B 181 25.38 19.59 -19.90
N ALA B 182 25.74 20.51 -20.80
CA ALA B 182 26.60 20.19 -21.95
C ALA B 182 27.88 19.49 -21.52
N ASP B 183 28.42 19.88 -20.37
CA ASP B 183 29.70 19.31 -19.93
C ASP B 183 29.54 17.95 -19.23
N GLY B 184 28.30 17.54 -18.95
CA GLY B 184 28.01 16.22 -18.36
C GLY B 184 27.42 16.24 -16.95
N LEU B 185 27.50 17.38 -16.27
CA LEU B 185 26.95 17.49 -14.91
C LEU B 185 25.46 17.21 -14.91
N ALA B 186 25.04 16.20 -14.13
CA ALA B 186 23.62 15.89 -13.99
C ALA B 186 22.88 17.11 -13.44
N LYS B 187 21.72 17.41 -14.00
CA LYS B 187 20.99 18.61 -13.60
C LYS B 187 20.43 18.42 -12.22
N SER B 188 20.45 19.51 -11.47
CA SER B 188 20.08 19.51 -10.06
C SER B 188 19.99 20.95 -9.53
N SER B 189 19.06 21.19 -8.61
CA SER B 189 18.99 22.47 -7.89
C SER B 189 20.28 22.85 -7.16
N ARG B 190 21.04 21.84 -6.76
CA ARG B 190 22.18 22.04 -5.87
C ARG B 190 23.38 22.60 -6.60
N ASN B 191 23.41 22.45 -7.94
CA ASN B 191 24.55 22.87 -8.73
C ASN B 191 24.91 24.35 -8.56
N VAL B 192 23.92 25.21 -8.39
CA VAL B 192 24.18 26.64 -8.16
C VAL B 192 25.09 26.85 -6.93
N TYR B 193 24.92 26.00 -5.92
CA TYR B 193 25.70 26.09 -4.68
C TYR B 193 27.20 25.81 -4.86
N LEU B 194 27.57 25.22 -5.99
CA LEU B 194 28.98 24.94 -6.27
C LEU B 194 29.72 26.24 -6.52
N THR B 195 30.90 26.37 -5.92
CA THR B 195 31.78 27.48 -6.22
C THR B 195 32.26 27.37 -7.68
N GLU B 196 32.85 28.44 -8.18
CA GLU B 196 33.33 28.48 -9.56
C GLU B 196 34.30 27.31 -9.85
N GLN B 197 35.30 27.12 -8.99
CA GLN B 197 36.23 25.98 -9.15
C GLN B 197 35.56 24.63 -8.86
N GLU B 198 34.60 24.58 -7.94
CA GLU B 198 33.88 23.35 -7.63
C GLU B 198 32.98 22.89 -8.78
N ARG B 199 32.36 23.86 -9.46
CA ARG B 199 31.49 23.55 -10.60
C ARG B 199 32.29 22.87 -11.70
N GLN B 200 33.55 23.27 -11.87
CA GLN B 200 34.44 22.65 -12.85
C GLN B 200 34.88 21.26 -12.37
N GLU B 201 35.12 21.13 -11.07
CA GLU B 201 35.44 19.84 -10.48
C GLU B 201 34.29 18.85 -10.61
N ALA B 202 33.07 19.33 -10.41
CA ALA B 202 31.87 18.49 -10.35
C ALA B 202 31.61 17.70 -11.64
N VAL B 203 32.19 18.15 -12.75
CA VAL B 203 32.10 17.45 -14.02
C VAL B 203 32.77 16.07 -13.93
N HIS B 204 33.74 15.92 -13.02
CA HIS B 204 34.43 14.65 -12.89
C HIS B 204 33.60 13.51 -12.26
N LEU B 205 32.43 13.81 -11.69
CA LEU B 205 31.46 12.76 -11.33
C LEU B 205 31.07 11.99 -12.59
N SER B 206 30.58 12.71 -13.60
CA SER B 206 30.17 12.09 -14.85
C SER B 206 31.37 11.43 -15.54
N LYS B 207 32.53 12.07 -15.50
CA LYS B 207 33.71 11.50 -16.16
C LYS B 207 34.17 10.20 -15.49
N SER B 208 34.08 10.16 -14.16
CA SER B 208 34.37 8.93 -13.40
C SER B 208 33.44 7.78 -13.78
N LEU B 209 32.20 8.09 -14.14
CA LEU B 209 31.29 7.04 -14.58
C LEU B 209 31.68 6.55 -15.98
N LEU B 210 32.09 7.47 -16.82
CA LEU B 210 32.57 7.11 -18.13
C LEU B 210 33.85 6.27 -18.00
N LEU B 211 34.66 6.57 -17.00
CA LEU B 211 35.83 5.73 -16.71
C LEU B 211 35.39 4.32 -16.30
N ALA B 212 34.41 4.24 -15.40
CA ALA B 212 33.92 2.94 -14.97
C ALA B 212 33.43 2.09 -16.16
N GLN B 213 32.69 2.72 -17.06
CA GLN B 213 32.16 2.06 -18.26
C GLN B 213 33.28 1.58 -19.17
N ALA B 214 34.31 2.41 -19.33
CA ALA B 214 35.47 2.07 -20.16
C ALA B 214 36.18 0.85 -19.63
N LEU B 215 36.38 0.80 -18.31
CA LEU B 215 37.06 -0.31 -17.68
C LEU B 215 36.27 -1.60 -17.86
N TYR B 216 34.96 -1.49 -17.66
CA TYR B 216 34.04 -2.59 -17.90
C TYR B 216 34.11 -3.07 -19.35
N GLN B 217 34.07 -2.14 -20.30
CA GLN B 217 34.10 -2.50 -21.73
C GLN B 217 35.41 -3.17 -22.11
N ASP B 218 36.51 -2.73 -21.49
CA ASP B 218 37.82 -3.36 -21.65
C ASP B 218 37.91 -4.72 -20.95
N GLY B 219 36.86 -5.12 -20.22
CA GLY B 219 36.74 -6.49 -19.70
C GLY B 219 36.90 -6.67 -18.20
N GLU B 220 36.94 -5.56 -17.45
CA GLU B 220 37.03 -5.64 -15.99
C GLU B 220 35.71 -6.17 -15.40
N ARG B 221 35.81 -7.18 -14.54
CA ARG B 221 34.62 -7.77 -13.91
C ARG B 221 34.67 -7.85 -12.39
N GLN B 222 35.76 -7.41 -11.77
CA GLN B 222 35.76 -7.39 -10.31
C GLN B 222 35.28 -6.02 -9.85
N SER B 223 34.17 -6.04 -9.12
CA SER B 223 33.56 -4.83 -8.63
C SER B 223 34.57 -3.96 -7.86
N LYS B 224 35.42 -4.61 -7.05
CA LYS B 224 36.41 -3.91 -6.20
C LYS B 224 37.32 -3.00 -7.03
N VAL B 225 37.80 -3.51 -8.16
CA VAL B 225 38.73 -2.77 -9.00
C VAL B 225 38.05 -1.53 -9.62
N ILE B 226 36.81 -1.68 -10.09
CA ILE B 226 36.05 -0.55 -10.61
C ILE B 226 35.84 0.50 -9.51
N ILE B 227 35.38 0.06 -8.33
CA ILE B 227 35.20 0.96 -7.19
C ILE B 227 36.50 1.70 -6.87
N ASP B 228 37.60 0.97 -6.77
CA ASP B 228 38.88 1.56 -6.40
C ASP B 228 39.37 2.54 -7.47
N LYS B 229 39.28 2.16 -8.73
CA LYS B 229 39.76 3.02 -9.82
C LYS B 229 38.92 4.30 -9.99
N VAL B 230 37.60 4.16 -9.84
CA VAL B 230 36.72 5.32 -9.85
C VAL B 230 37.00 6.21 -8.65
N THR B 231 37.14 5.61 -7.47
CA THR B 231 37.40 6.38 -6.26
C THR B 231 38.70 7.16 -6.36
N GLN B 232 39.75 6.52 -6.87
CA GLN B 232 41.06 7.20 -7.00
C GLN B 232 41.03 8.34 -8.01
N TYR B 233 40.37 8.12 -9.15
CA TYR B 233 40.16 9.18 -10.15
C TYR B 233 39.44 10.39 -9.54
N LEU B 234 38.28 10.14 -8.92
CA LEU B 234 37.49 11.21 -8.29
C LEU B 234 38.30 12.01 -7.28
N GLU B 235 38.97 11.30 -6.38
CA GLU B 235 39.68 11.96 -5.28
C GLU B 235 40.78 12.90 -5.79
N SER B 236 41.42 12.56 -6.91
CA SER B 236 42.45 13.40 -7.49
C SER B 236 41.93 14.56 -8.37
N HIS B 237 40.61 14.61 -8.60
CA HIS B 237 40.02 15.69 -9.41
C HIS B 237 39.05 16.59 -8.65
N ILE B 238 38.66 16.23 -7.44
CA ILE B 238 37.73 17.06 -6.68
C ILE B 238 38.30 17.47 -5.34
N SER B 239 37.78 18.57 -4.82
CA SER B 239 38.11 19.07 -3.50
C SER B 239 37.01 18.69 -2.50
N GLY B 240 35.92 18.10 -3.00
CA GLY B 240 34.81 17.66 -2.17
C GLY B 240 35.14 16.31 -1.55
N ARG B 241 34.24 15.81 -0.71
CA ARG B 241 34.49 14.53 -0.05
C ARG B 241 33.62 13.44 -0.65
N ILE B 242 34.21 12.29 -0.91
CA ILE B 242 33.47 11.17 -1.49
C ILE B 242 32.68 10.52 -0.38
N GLU B 243 31.35 10.42 -0.56
CA GLU B 243 30.47 9.74 0.40
C GLU B 243 30.21 8.28 0.02
N GLU B 244 30.10 8.02 -1.28
CA GLU B 244 30.02 6.65 -1.77
C GLU B 244 30.43 6.52 -3.23
N VAL B 245 31.08 5.40 -3.51
CA VAL B 245 31.28 4.90 -4.85
C VAL B 245 30.95 3.44 -4.72
N ALA B 246 29.91 2.99 -5.40
CA ALA B 246 29.39 1.65 -5.16
C ALA B 246 29.03 0.96 -6.46
N VAL B 247 29.13 -0.37 -6.45
CA VAL B 247 28.79 -1.21 -7.59
C VAL B 247 27.81 -2.32 -7.13
N TYR B 248 26.59 -2.32 -7.67
CA TYR B 248 25.57 -3.31 -7.35
C TYR B 248 24.87 -3.76 -8.62
N SER B 249 24.35 -4.99 -8.60
CA SER B 249 23.47 -5.45 -9.68
C SER B 249 22.27 -4.52 -9.79
N TYR B 250 21.73 -4.39 -11.00
CA TYR B 250 20.54 -3.56 -11.21
C TYR B 250 19.54 -4.34 -12.05
N PRO B 251 18.24 -4.35 -11.65
CA PRO B 251 17.65 -3.62 -10.54
C PRO B 251 17.61 -4.36 -9.19
N GLN B 252 18.34 -5.47 -9.06
CA GLN B 252 18.26 -6.28 -7.84
C GLN B 252 18.99 -5.67 -6.63
N LEU B 253 19.98 -4.80 -6.89
CA LEU B 253 20.76 -4.14 -5.83
C LEU B 253 21.44 -5.16 -4.87
N VAL B 254 22.11 -6.15 -5.46
CA VAL B 254 22.90 -7.15 -4.74
C VAL B 254 24.35 -7.06 -5.19
N GLU B 255 25.28 -7.18 -4.25
CA GLU B 255 26.70 -7.07 -4.59
C GLU B 255 27.32 -8.44 -4.81
N GLN B 256 28.39 -8.45 -5.60
CA GLN B 256 29.09 -9.67 -5.92
C GLN B 256 30.54 -9.32 -6.24
N HIS B 257 31.49 -10.16 -5.82
CA HIS B 257 32.90 -9.91 -6.13
C HIS B 257 33.08 -9.79 -7.64
N GLU B 258 32.55 -10.78 -8.37
CA GLU B 258 32.70 -10.83 -9.83
C GLU B 258 31.42 -10.37 -10.53
N ILE B 259 31.53 -9.33 -11.34
CA ILE B 259 30.38 -8.72 -12.04
C ILE B 259 29.81 -9.70 -13.07
N THR B 260 28.51 -9.94 -13.00
CA THR B 260 27.78 -10.60 -14.06
C THR B 260 26.51 -9.77 -14.28
N GLY B 261 25.91 -9.87 -15.45
CA GLY B 261 24.63 -9.20 -15.69
C GLY B 261 24.71 -7.68 -15.63
N ARG B 262 23.54 -7.06 -15.53
CA ARG B 262 23.41 -5.62 -15.52
C ARG B 262 23.79 -5.06 -14.14
N ILE B 263 24.62 -4.02 -14.11
CA ILE B 263 25.00 -3.38 -12.86
C ILE B 263 24.77 -1.89 -12.93
N PHE B 264 24.86 -1.24 -11.78
CA PHE B 264 25.02 0.20 -11.76
C PHE B 264 26.09 0.65 -10.78
N ILE B 265 26.78 1.69 -11.21
CA ILE B 265 27.81 2.33 -10.44
C ILE B 265 27.24 3.65 -9.98
N SER B 266 27.25 3.89 -8.66
CA SER B 266 26.66 5.08 -8.11
C SER B 266 27.64 5.82 -7.26
N LEU B 267 27.46 7.13 -7.27
CA LEU B 267 28.35 8.05 -6.64
C LEU B 267 27.55 8.99 -5.78
N ALA B 268 28.18 9.41 -4.68
CA ALA B 268 27.66 10.50 -3.88
C ALA B 268 28.86 11.29 -3.36
N VAL B 269 28.85 12.60 -3.62
CA VAL B 269 29.95 13.51 -3.29
C VAL B 269 29.45 14.74 -2.53
N LYS B 270 30.16 15.13 -1.47
CA LYS B 270 29.80 16.32 -0.69
C LYS B 270 30.82 17.42 -0.93
N PHE B 271 30.41 18.44 -1.69
CA PHE B 271 31.18 19.66 -1.86
C PHE B 271 30.89 20.62 -0.66
N SER B 272 31.36 21.87 -0.74
CA SER B 272 31.10 22.86 0.31
C SER B 272 29.66 22.85 0.82
N LYS B 273 28.73 23.28 -0.02
CA LYS B 273 27.31 23.35 0.36
C LYS B 273 26.41 22.38 -0.42
N ALA B 274 26.96 21.68 -1.43
CA ALA B 274 26.13 20.83 -2.29
C ALA B 274 26.48 19.34 -2.16
N ARG B 275 25.47 18.51 -1.95
CA ARG B 275 25.61 17.05 -2.05
C ARG B 275 25.08 16.58 -3.39
N LEU B 276 25.97 16.03 -4.22
CA LEU B 276 25.61 15.62 -5.58
C LEU B 276 25.64 14.10 -5.72
N ILE B 277 24.70 13.55 -6.51
CA ILE B 277 24.72 12.14 -6.86
C ILE B 277 24.72 11.94 -8.39
N ASP B 278 25.27 10.82 -8.83
CA ASP B 278 25.20 10.44 -10.23
C ASP B 278 25.32 8.92 -10.29
N ASN B 279 24.95 8.35 -11.42
CA ASN B 279 25.12 6.92 -11.60
C ASN B 279 25.10 6.58 -13.07
N ILE B 280 25.55 5.37 -13.38
CA ILE B 280 25.40 4.83 -14.71
C ILE B 280 25.03 3.35 -14.61
N ILE B 281 24.12 2.92 -15.47
CA ILE B 281 23.69 1.53 -15.52
C ILE B 281 24.26 0.90 -16.77
N ILE B 282 25.04 -0.17 -16.60
CA ILE B 282 25.73 -0.80 -17.71
CA ILE B 282 25.81 -0.80 -17.67
C ILE B 282 25.68 -2.33 -17.64
N GLY B 283 26.04 -2.97 -18.74
CA GLY B 283 26.06 -4.43 -18.82
C GLY B 283 24.72 -5.01 -19.24
N ALA B 284 24.72 -6.31 -19.55
CA ALA B 284 23.54 -6.99 -20.05
C ALA B 284 23.06 -8.02 -19.04
PG APC C . -14.24 -15.97 9.62
O1G APC C . -13.28 -16.83 8.81
O2G APC C . -15.08 -16.78 10.58
O3G APC C . -13.60 -14.73 10.23
PB APC C . -16.02 -16.38 7.48
O1B APC C . -17.51 -16.20 7.58
O2B APC C . -15.53 -17.77 7.80
O3B APC C . -15.30 -15.38 8.54
PA APC C . -14.29 -14.77 5.39
O1A APC C . -13.22 -14.97 6.45
O2A APC C . -13.87 -14.94 3.95
C3A APC C . -15.61 -15.98 5.74
O5' APC C . -14.88 -13.28 5.51
C5' APC C . -15.35 -12.56 4.37
C4' APC C . -16.21 -11.38 4.80
O4' APC C . -17.51 -11.84 5.25
C3' APC C . -15.59 -10.61 5.96
O3' APC C . -15.71 -9.20 5.72
C2' APC C . -16.42 -11.02 7.15
O2' APC C . -16.49 -10.02 8.19
C1' APC C . -17.77 -11.28 6.52
N9 APC C . -18.57 -12.15 7.40
C8 APC C . -18.25 -13.37 7.83
N7 APC C . -19.23 -13.84 8.64
C5 APC C . -20.19 -12.89 8.70
C6 APC C . -21.41 -12.77 9.33
N6 APC C . -21.85 -13.79 10.11
N1 APC C . -22.16 -11.65 9.18
C2 APC C . -21.73 -10.63 8.42
N3 APC C . -20.54 -10.71 7.80
C4 APC C . -19.76 -11.82 7.91
S SO4 D . -10.11 -15.20 9.03
O1 SO4 D . -10.90 -16.18 8.27
O2 SO4 D . -10.32 -15.42 10.47
O3 SO4 D . -8.71 -15.46 8.69
O4 SO4 D . -10.62 -13.87 8.70
PG APC E . 17.69 17.88 -7.63
O1G APC E . 17.31 19.34 -7.80
O2G APC E . 17.49 17.09 -8.90
O3G APC E . 19.04 17.67 -6.97
PB APC E . 15.51 16.23 -7.16
O1B APC E . 16.15 14.90 -7.47
O2B APC E . 14.81 17.02 -8.24
O3B APC E . 16.64 17.24 -6.59
PA APC E . 12.65 15.67 -6.58
O1A APC E . 11.93 14.70 -5.67
O2A APC E . 11.98 16.99 -6.87
C3A APC E . 14.30 15.87 -5.85
O5' APC E . 12.81 14.91 -8.00
C5' APC E . 11.63 14.46 -8.66
C4' APC E . 11.97 13.61 -9.88
O4' APC E . 12.83 14.31 -10.79
C3' APC E . 12.69 12.33 -9.50
O3' APC E . 12.09 11.24 -10.20
C2' APC E . 14.12 12.57 -9.95
O2' APC E . 14.88 11.38 -10.20
C1' APC E . 13.88 13.44 -11.19
N9 APC E . 15.11 14.12 -11.61
C8 APC E . 15.80 15.02 -10.91
N7 APC E . 16.90 15.39 -11.62
C5 APC E . 16.90 14.71 -12.79
C6 APC E . 17.75 14.69 -13.89
N6 APC E . 18.87 15.46 -13.91
N1 APC E . 17.46 13.88 -14.94
C2 APC E . 16.37 13.10 -14.91
N3 APC E . 15.53 13.11 -13.84
C4 APC E . 15.77 13.91 -12.77
#